data_2OEN
#
_entry.id   2OEN
#
_cell.length_a   69.330
_cell.length_b   69.330
_cell.length_c   229.500
_cell.angle_alpha   90.00
_cell.angle_beta   90.00
_cell.angle_gamma   90.00
#
_symmetry.space_group_name_H-M   'P 41 21 2'
#
loop_
_entity.id
_entity.type
_entity.pdbx_description
1 polymer 'Catabolite control protein'
2 polymer 'Phosphocarrier protein HPr'
#
loop_
_entity_poly.entity_id
_entity_poly.type
_entity_poly.pdbx_seq_one_letter_code
_entity_poly.pdbx_strand_id
1 'polypeptide(L)'
;RGLASKKTTTVGVIIPDISNIFYAELARGIEDIATMYKYNIILSNSDQNQDKELHLLNNMLGKQVDGIIFMSGNVTEEHV
EELKKSPVPVVLAASIESTNQIPSVTIDYEQAAFDAVQSLIDSGHKNIAFVSGTLEEPINHAKKVKGYKRALTESGLPVR
DSYIVEGDYTYDSGIEAVEKLLEEDEKPTAIFVGTDEMALGVIHGAQDRGLNVPNDLEIIGFDNTRLSTMVRPQLTSVVQ
PMYDIGAVAMRLLTKYMNKETVDSSIVQLPHRIEFRQSTK
;
G
2 'polypeptide(L)'
;MAQKTFTVTADSGIHARPATTLVQAASKFDSDINLEFNGKTVNLK(SEP)IMGVMSLGIQKGATITISAEGSDEADALAA
LEDTMSKEGLGE
;
L
#
# COMPACT_ATOMS: atom_id res chain seq x y z
N LYS A 6 8.79 -32.72 5.27
CA LYS A 6 7.70 -31.80 5.68
C LYS A 6 8.04 -30.39 5.19
N LYS A 7 8.15 -29.43 6.13
CA LYS A 7 8.44 -28.00 5.82
C LYS A 7 9.63 -27.81 4.85
N THR A 8 9.35 -27.23 3.67
CA THR A 8 10.35 -27.03 2.61
C THR A 8 11.15 -25.69 2.47
N THR A 9 10.87 -24.73 3.35
CA THR A 9 11.54 -23.43 3.37
C THR A 9 11.32 -22.74 2.06
N THR A 10 10.13 -22.93 1.51
CA THR A 10 9.79 -22.36 0.24
C THR A 10 8.33 -21.92 0.35
N VAL A 11 8.06 -20.62 0.14
CA VAL A 11 6.69 -20.03 0.21
C VAL A 11 6.17 -19.54 -1.14
N GLY A 12 5.12 -20.19 -1.63
CA GLY A 12 4.57 -19.80 -2.91
C GLY A 12 3.87 -18.48 -2.70
N VAL A 13 3.39 -17.91 -3.79
CA VAL A 13 2.66 -16.66 -3.72
C VAL A 13 1.97 -16.64 -5.05
N ILE A 14 0.73 -16.20 -5.07
CA ILE A 14 -0.04 -16.13 -6.31
C ILE A 14 -0.44 -14.69 -6.51
N ILE A 15 0.29 -13.96 -7.35
CA ILE A 15 0.00 -12.56 -7.60
C ILE A 15 -0.55 -12.43 -9.02
N PRO A 16 -1.50 -11.51 -9.26
CA PRO A 16 -2.10 -11.29 -10.57
C PRO A 16 -1.17 -11.26 -11.77
N ASP A 17 -0.51 -10.12 -11.98
CA ASP A 17 0.40 -9.90 -13.10
C ASP A 17 1.56 -9.07 -12.59
N ILE A 18 2.76 -9.63 -12.59
CA ILE A 18 3.89 -8.85 -12.13
C ILE A 18 4.51 -8.08 -13.26
N SER A 19 3.67 -7.57 -14.15
CA SER A 19 4.11 -6.70 -15.25
C SER A 19 3.71 -5.36 -14.59
N ASN A 20 2.61 -5.47 -13.85
CA ASN A 20 1.99 -4.40 -13.10
C ASN A 20 2.92 -3.88 -12.02
N ILE A 21 3.29 -2.62 -12.14
CA ILE A 21 4.15 -1.91 -11.19
C ILE A 21 3.71 -2.11 -9.71
N PHE A 22 2.42 -1.82 -9.47
CA PHE A 22 1.77 -1.96 -8.18
C PHE A 22 2.28 -3.27 -7.63
N TYR A 23 1.84 -4.37 -8.23
CA TYR A 23 2.23 -5.74 -7.83
C TYR A 23 3.72 -5.98 -7.87
N ALA A 24 4.37 -5.24 -8.76
CA ALA A 24 5.79 -5.35 -8.90
C ALA A 24 6.38 -5.08 -7.51
N GLU A 25 6.43 -3.81 -7.14
CA GLU A 25 7.00 -3.43 -5.87
C GLU A 25 6.49 -4.27 -4.77
N LEU A 26 5.55 -5.16 -5.08
CA LEU A 26 5.03 -6.01 -4.04
C LEU A 26 5.94 -7.19 -3.90
N ALA A 27 6.54 -7.63 -5.00
CA ALA A 27 7.50 -8.75 -4.92
C ALA A 27 8.54 -8.33 -3.88
N ARG A 28 9.38 -7.41 -4.31
CA ARG A 28 10.39 -6.78 -3.49
C ARG A 28 9.83 -6.88 -2.06
N GLY A 29 8.62 -6.37 -1.88
CA GLY A 29 8.02 -6.46 -0.58
C GLY A 29 8.30 -7.84 -0.06
N ILE A 30 7.71 -8.83 -0.73
CA ILE A 30 7.84 -10.24 -0.35
C ILE A 30 9.26 -10.77 -0.49
N GLU A 31 9.73 -10.79 -1.72
CA GLU A 31 11.05 -11.31 -2.00
C GLU A 31 12.05 -10.89 -0.92
N ASP A 32 12.16 -9.58 -0.71
CA ASP A 32 13.08 -8.99 0.24
C ASP A 32 13.08 -9.38 1.71
N ILE A 33 11.94 -9.84 2.22
CA ILE A 33 11.85 -10.33 3.59
C ILE A 33 11.96 -11.86 3.57
N ALA A 34 11.24 -12.51 2.66
CA ALA A 34 11.31 -13.94 2.59
C ALA A 34 12.75 -14.41 2.41
N THR A 35 13.68 -13.48 2.17
CA THR A 35 15.10 -13.77 2.00
C THR A 35 15.79 -13.61 3.34
N MET A 36 15.51 -12.45 3.96
CA MET A 36 16.02 -12.12 5.26
C MET A 36 15.71 -13.43 6.00
N TYR A 37 14.45 -13.85 5.95
CA TYR A 37 13.99 -15.09 6.63
C TYR A 37 14.05 -16.36 5.79
N LYS A 38 15.16 -16.53 5.05
CA LYS A 38 15.50 -17.66 4.15
C LYS A 38 14.47 -18.62 3.53
N TYR A 39 13.53 -18.09 2.76
CA TYR A 39 12.52 -18.91 2.07
C TYR A 39 12.53 -18.48 0.62
N ASN A 40 12.63 -19.48 -0.26
CA ASN A 40 12.63 -19.26 -1.68
C ASN A 40 11.15 -19.04 -2.04
N ILE A 41 10.82 -17.93 -2.72
CA ILE A 41 9.43 -17.66 -3.11
C ILE A 41 9.14 -18.15 -4.48
N ILE A 42 8.11 -18.97 -4.56
CA ILE A 42 7.72 -19.52 -5.83
C ILE A 42 6.68 -18.63 -6.46
N LEU A 43 7.14 -17.62 -7.19
CA LEU A 43 6.22 -16.68 -7.82
C LEU A 43 5.33 -17.41 -8.75
N SER A 44 4.17 -16.85 -9.01
CA SER A 44 3.25 -17.49 -9.89
C SER A 44 2.15 -16.54 -10.22
N ASN A 45 2.12 -16.10 -11.47
CA ASN A 45 1.10 -15.18 -11.97
C ASN A 45 -0.31 -15.72 -11.97
N SER A 46 -1.22 -14.96 -11.33
CA SER A 46 -2.63 -15.29 -11.17
C SER A 46 -3.58 -14.80 -12.22
N ASP A 47 -3.17 -13.80 -12.98
CA ASP A 47 -4.01 -13.24 -14.03
C ASP A 47 -5.47 -13.07 -13.74
N GLN A 48 -5.81 -12.92 -12.46
CA GLN A 48 -7.20 -12.73 -11.98
C GLN A 48 -8.20 -13.56 -12.78
N ASN A 49 -8.52 -14.75 -12.26
CA ASN A 49 -9.39 -15.71 -12.93
C ASN A 49 -9.64 -16.84 -11.91
N GLN A 50 -10.89 -17.08 -11.52
CA GLN A 50 -11.22 -18.09 -10.49
C GLN A 50 -10.64 -19.52 -10.61
N ASP A 51 -10.13 -19.91 -11.76
CA ASP A 51 -9.57 -21.25 -11.91
C ASP A 51 -8.06 -21.11 -11.90
N LYS A 52 -7.60 -20.00 -12.48
CA LYS A 52 -6.20 -19.60 -12.55
C LYS A 52 -5.73 -19.45 -11.10
N GLU A 53 -6.65 -18.93 -10.27
CA GLU A 53 -6.38 -18.74 -8.84
C GLU A 53 -6.51 -20.10 -8.18
N LEU A 54 -7.76 -20.47 -7.92
CA LEU A 54 -8.10 -21.75 -7.27
C LEU A 54 -7.21 -22.94 -7.67
N HIS A 55 -6.81 -23.05 -8.93
CA HIS A 55 -5.93 -24.17 -9.24
C HIS A 55 -4.57 -23.86 -8.72
N LEU A 56 -3.87 -23.02 -9.47
CA LEU A 56 -2.53 -22.63 -9.12
C LEU A 56 -2.20 -22.88 -7.66
N LEU A 57 -3.16 -22.56 -6.78
CA LEU A 57 -2.96 -22.75 -5.33
C LEU A 57 -2.58 -24.23 -5.21
N ASN A 58 -3.55 -25.12 -5.08
CA ASN A 58 -3.28 -26.57 -5.01
C ASN A 58 -1.81 -27.01 -5.05
N ASN A 59 -1.11 -26.56 -6.09
CA ASN A 59 0.30 -26.86 -6.30
C ASN A 59 1.19 -26.25 -5.22
N MET A 60 1.08 -24.94 -4.96
CA MET A 60 1.91 -24.33 -3.91
C MET A 60 1.94 -25.42 -2.88
N LEU A 61 0.74 -25.98 -2.63
CA LEU A 61 0.47 -27.05 -1.68
C LEU A 61 1.11 -28.40 -2.04
N GLY A 62 0.93 -28.85 -3.28
CA GLY A 62 1.53 -30.12 -3.70
C GLY A 62 3.06 -30.09 -3.63
N LYS A 63 3.63 -29.13 -4.34
CA LYS A 63 5.07 -28.95 -4.32
C LYS A 63 5.36 -28.28 -2.94
N GLN A 64 4.90 -28.94 -1.87
CA GLN A 64 5.04 -28.50 -0.47
C GLN A 64 5.86 -27.21 -0.25
N VAL A 65 5.14 -26.16 0.18
CA VAL A 65 5.67 -24.81 0.49
C VAL A 65 5.05 -24.40 1.82
N ASP A 66 5.90 -24.14 2.79
CA ASP A 66 5.47 -23.81 4.15
C ASP A 66 4.60 -22.60 4.40
N GLY A 67 3.84 -22.21 3.39
CA GLY A 67 2.97 -21.05 3.53
C GLY A 67 2.62 -20.50 2.16
N ILE A 68 1.80 -19.44 2.14
CA ILE A 68 1.35 -18.85 0.89
C ILE A 68 0.81 -17.45 1.10
N ILE A 69 1.46 -16.46 0.51
CA ILE A 69 0.94 -15.12 0.61
C ILE A 69 0.18 -14.96 -0.71
N PHE A 70 -1.15 -15.01 -0.68
CA PHE A 70 -1.99 -14.91 -1.89
C PHE A 70 -2.48 -13.49 -2.15
N MET A 71 -2.75 -13.17 -3.41
CA MET A 71 -3.26 -11.86 -3.78
C MET A 71 -4.26 -11.92 -4.87
N SER A 72 -5.24 -11.05 -4.78
CA SER A 72 -6.29 -10.96 -5.76
C SER A 72 -6.89 -9.59 -5.60
N GLY A 73 -7.66 -9.18 -6.59
CA GLY A 73 -8.31 -7.90 -6.52
C GLY A 73 -9.71 -8.22 -6.04
N ASN A 74 -9.91 -9.46 -5.63
CA ASN A 74 -11.23 -9.87 -5.19
C ASN A 74 -11.15 -11.29 -4.66
N VAL A 75 -10.72 -11.47 -3.41
CA VAL A 75 -10.62 -12.82 -2.84
C VAL A 75 -11.99 -13.34 -2.41
N THR A 76 -12.60 -14.06 -3.35
CA THR A 76 -13.97 -14.63 -3.28
C THR A 76 -14.46 -15.65 -2.25
N GLU A 77 -15.75 -15.48 -1.95
CA GLU A 77 -16.50 -16.29 -1.01
C GLU A 77 -15.88 -17.68 -0.91
N GLU A 78 -16.07 -18.50 -1.95
CA GLU A 78 -15.51 -19.82 -1.93
C GLU A 78 -14.05 -19.70 -1.57
N HIS A 79 -13.28 -19.07 -2.46
CA HIS A 79 -11.84 -18.86 -2.30
C HIS A 79 -11.38 -19.06 -0.84
N VAL A 80 -12.07 -18.35 0.06
CA VAL A 80 -11.76 -18.43 1.47
C VAL A 80 -11.82 -19.87 1.89
N GLU A 81 -12.94 -20.54 1.58
CA GLU A 81 -13.09 -21.96 1.92
C GLU A 81 -11.81 -22.79 1.59
N GLU A 82 -11.44 -22.90 0.31
CA GLU A 82 -10.24 -23.65 0.02
C GLU A 82 -9.15 -23.05 0.88
N LEU A 83 -9.19 -21.72 1.06
CA LEU A 83 -8.19 -21.02 1.88
C LEU A 83 -8.27 -21.39 3.35
N LYS A 84 -9.46 -21.37 3.90
CA LYS A 84 -9.61 -21.75 5.28
C LYS A 84 -9.06 -23.18 5.35
N LYS A 85 -9.42 -24.01 4.38
CA LYS A 85 -8.96 -25.40 4.32
C LYS A 85 -7.44 -25.59 4.32
N SER A 86 -6.77 -24.85 3.44
CA SER A 86 -5.34 -24.96 3.25
C SER A 86 -4.46 -25.25 4.46
N PRO A 87 -3.90 -26.48 4.49
CA PRO A 87 -3.01 -27.15 5.46
C PRO A 87 -1.76 -26.33 5.75
N VAL A 88 -1.56 -25.30 4.94
CA VAL A 88 -0.42 -24.44 5.11
C VAL A 88 -0.98 -23.04 5.40
N PRO A 89 -0.19 -22.18 6.03
CA PRO A 89 -0.65 -20.81 6.35
C PRO A 89 -0.81 -19.90 5.14
N VAL A 90 -1.92 -19.17 5.04
CA VAL A 90 -2.14 -18.24 3.92
C VAL A 90 -2.27 -16.84 4.54
N VAL A 91 -1.66 -15.81 3.93
CA VAL A 91 -1.73 -14.45 4.49
C VAL A 91 -2.11 -13.30 3.54
N LEU A 92 -3.26 -13.44 2.90
CA LEU A 92 -3.80 -12.45 1.99
C LEU A 92 -3.06 -11.14 2.05
N ALA A 93 -2.60 -10.67 0.90
CA ALA A 93 -1.88 -9.42 0.85
C ALA A 93 -2.51 -8.42 -0.10
N ALA A 94 -2.58 -7.18 0.35
CA ALA A 94 -3.16 -6.09 -0.41
C ALA A 94 -4.38 -6.55 -1.14
N SER A 95 -5.08 -7.52 -0.56
CA SER A 95 -6.30 -8.09 -1.11
C SER A 95 -7.31 -8.06 0.05
N ILE A 96 -8.60 -8.26 -0.22
CA ILE A 96 -9.58 -8.27 0.88
C ILE A 96 -10.83 -9.19 0.71
N GLU A 97 -11.31 -9.66 1.87
CA GLU A 97 -12.49 -10.52 2.00
C GLU A 97 -13.17 -10.44 3.42
N SER A 98 -14.37 -9.85 3.45
CA SER A 98 -15.22 -9.66 4.64
C SER A 98 -14.92 -10.26 6.05
N THR A 99 -14.73 -11.56 6.03
CA THR A 99 -14.52 -12.40 7.20
C THR A 99 -13.29 -12.35 8.13
N ASN A 100 -12.20 -11.73 7.70
CA ASN A 100 -11.02 -11.67 8.55
C ASN A 100 -10.51 -13.04 8.92
N GLN A 101 -11.23 -14.03 8.41
CA GLN A 101 -10.92 -15.45 8.65
C GLN A 101 -9.47 -15.82 8.30
N ILE A 102 -8.89 -15.11 7.31
CA ILE A 102 -7.51 -15.34 6.88
C ILE A 102 -6.67 -14.11 7.17
N PRO A 103 -5.54 -14.28 7.90
CA PRO A 103 -4.76 -13.08 8.16
C PRO A 103 -4.78 -12.21 6.92
N SER A 104 -4.43 -10.95 7.08
CA SER A 104 -4.47 -10.10 5.92
C SER A 104 -3.87 -8.76 6.16
N VAL A 105 -2.71 -8.56 5.56
CA VAL A 105 -2.00 -7.30 5.66
C VAL A 105 -2.37 -6.45 4.47
N THR A 106 -2.87 -5.25 4.71
CA THR A 106 -3.22 -4.33 3.62
C THR A 106 -3.31 -2.94 4.24
N ILE A 107 -3.69 -1.93 3.47
CA ILE A 107 -3.79 -0.57 4.01
C ILE A 107 -5.29 -0.27 4.17
N ASP A 108 -5.64 0.80 4.90
CA ASP A 108 -7.05 1.14 5.15
C ASP A 108 -7.73 1.80 3.96
N TYR A 109 -8.32 0.95 3.13
CA TYR A 109 -8.97 1.35 1.88
C TYR A 109 -10.27 2.17 1.93
N GLU A 110 -10.99 2.15 3.03
CA GLU A 110 -12.22 2.95 3.06
C GLU A 110 -11.81 4.41 3.20
N GLN A 111 -11.42 4.75 4.43
CA GLN A 111 -11.02 6.09 4.85
C GLN A 111 -10.06 6.79 3.92
N ALA A 112 -9.06 6.09 3.43
CA ALA A 112 -8.14 6.71 2.53
C ALA A 112 -9.01 7.30 1.42
N ALA A 113 -9.88 6.49 0.82
CA ALA A 113 -10.74 6.99 -0.24
C ALA A 113 -11.41 8.27 0.19
N PHE A 114 -12.05 8.19 1.36
CA PHE A 114 -12.75 9.28 2.01
C PHE A 114 -11.93 10.56 2.12
N ASP A 115 -10.80 10.51 2.82
CA ASP A 115 -9.93 11.69 3.02
C ASP A 115 -9.69 12.60 1.84
N ALA A 116 -9.17 12.06 0.74
CA ALA A 116 -8.89 12.90 -0.41
C ALA A 116 -10.16 13.60 -0.87
N VAL A 117 -11.26 12.85 -0.87
CA VAL A 117 -12.54 13.36 -1.33
C VAL A 117 -12.91 14.61 -0.58
N GLN A 118 -12.94 14.49 0.74
CA GLN A 118 -13.26 15.62 1.61
C GLN A 118 -12.12 16.63 1.65
N SER A 119 -10.91 16.15 1.42
CA SER A 119 -9.78 17.02 1.45
C SER A 119 -9.64 17.59 0.07
N LEU A 120 -10.78 17.68 -0.61
CA LEU A 120 -10.86 18.25 -1.95
C LEU A 120 -11.91 19.34 -1.72
N ILE A 121 -13.00 18.89 -1.11
CA ILE A 121 -14.14 19.69 -0.77
C ILE A 121 -13.86 21.01 -0.01
N ASP A 122 -12.88 20.95 0.90
CA ASP A 122 -12.49 22.11 1.69
C ASP A 122 -11.65 23.00 0.82
N SER A 123 -11.11 22.43 -0.24
CA SER A 123 -10.33 23.21 -1.17
C SER A 123 -11.45 23.99 -1.87
N GLY A 124 -12.39 24.48 -1.08
CA GLY A 124 -13.53 25.16 -1.65
C GLY A 124 -14.00 24.26 -2.76
N HIS A 125 -14.59 23.10 -2.44
CA HIS A 125 -15.04 22.22 -3.50
C HIS A 125 -16.49 21.82 -3.54
N LYS A 126 -17.11 22.04 -4.71
CA LYS A 126 -18.52 21.77 -4.93
C LYS A 126 -18.87 20.41 -5.51
N ASN A 127 -18.69 20.30 -6.82
CA ASN A 127 -19.02 19.09 -7.51
C ASN A 127 -17.77 18.24 -7.78
N ILE A 128 -17.59 17.22 -6.94
CA ILE A 128 -16.48 16.25 -6.96
C ILE A 128 -16.80 15.06 -7.88
N ALA A 129 -15.87 14.13 -8.03
CA ALA A 129 -16.09 12.96 -8.91
C ALA A 129 -15.18 11.79 -8.64
N PHE A 130 -15.65 10.61 -9.03
CA PHE A 130 -14.85 9.41 -8.85
C PHE A 130 -14.63 8.73 -10.15
N VAL A 131 -13.39 8.25 -10.32
CA VAL A 131 -12.95 7.51 -11.50
C VAL A 131 -11.99 6.40 -11.00
N SER A 132 -12.59 5.24 -10.75
CA SER A 132 -11.89 4.04 -10.26
C SER A 132 -12.09 2.98 -11.34
N GLY A 133 -11.40 1.85 -11.20
CA GLY A 133 -11.56 0.76 -12.14
C GLY A 133 -12.47 -0.27 -11.52
N THR A 134 -12.59 -1.45 -12.15
CA THR A 134 -13.42 -2.58 -11.66
C THR A 134 -14.39 -2.33 -10.51
N LEU A 135 -15.63 -1.92 -10.78
CA LEU A 135 -16.53 -1.69 -9.66
C LEU A 135 -16.99 -3.01 -9.00
N GLU A 136 -16.44 -4.13 -9.47
CA GLU A 136 -16.77 -5.43 -8.90
C GLU A 136 -15.90 -5.62 -7.62
N GLU A 137 -14.58 -5.60 -7.83
CA GLU A 137 -13.59 -5.76 -6.78
C GLU A 137 -14.04 -5.12 -5.49
N PRO A 138 -14.33 -5.96 -4.47
CA PRO A 138 -14.78 -5.53 -3.15
C PRO A 138 -13.77 -4.51 -2.60
N ILE A 139 -12.68 -4.37 -3.34
CA ILE A 139 -11.62 -3.46 -3.00
C ILE A 139 -12.04 -2.07 -3.47
N ASN A 140 -12.94 -2.04 -4.45
CA ASN A 140 -13.44 -0.78 -4.97
C ASN A 140 -14.83 -0.42 -4.46
N HIS A 141 -15.87 -0.99 -5.07
CA HIS A 141 -17.25 -0.68 -4.73
C HIS A 141 -17.65 -0.64 -3.26
N ALA A 142 -16.97 -1.46 -2.44
CA ALA A 142 -17.26 -1.53 -1.00
C ALA A 142 -16.21 -0.73 -0.22
N LYS A 143 -15.26 -0.11 -0.91
CA LYS A 143 -14.25 0.63 -0.21
C LYS A 143 -13.91 2.05 -0.70
N LYS A 144 -13.21 2.19 -1.82
CA LYS A 144 -12.86 3.53 -2.30
C LYS A 144 -14.05 4.34 -2.73
N VAL A 145 -15.17 3.68 -3.00
CA VAL A 145 -16.35 4.42 -3.36
C VAL A 145 -16.94 4.72 -2.00
N LYS A 146 -17.02 3.68 -1.18
CA LYS A 146 -17.54 3.78 0.17
C LYS A 146 -17.11 5.11 0.76
N GLY A 147 -15.79 5.27 0.90
CA GLY A 147 -15.22 6.50 1.42
C GLY A 147 -15.46 7.68 0.52
N TYR A 148 -15.45 7.45 -0.79
CA TYR A 148 -15.69 8.52 -1.74
C TYR A 148 -17.04 9.04 -1.41
N LYS A 149 -17.95 8.13 -1.13
CA LYS A 149 -19.31 8.52 -0.81
C LYS A 149 -19.50 9.08 0.59
N ARG A 150 -19.09 8.35 1.62
CA ARG A 150 -19.28 8.81 2.96
C ARG A 150 -18.78 10.17 3.31
N ALA A 151 -17.57 10.53 2.95
CA ALA A 151 -17.11 11.89 3.30
C ALA A 151 -17.92 12.88 2.52
N LEU A 152 -18.44 12.40 1.40
CA LEU A 152 -19.25 13.15 0.47
C LEU A 152 -20.63 13.45 1.06
N THR A 153 -21.39 12.41 1.38
CA THR A 153 -22.72 12.55 1.97
C THR A 153 -22.49 13.39 3.21
N GLU A 154 -21.78 12.83 4.19
CA GLU A 154 -21.42 13.50 5.46
C GLU A 154 -20.72 14.83 5.20
N SER A 155 -21.52 15.79 4.79
CA SER A 155 -21.11 17.13 4.43
C SER A 155 -22.06 17.32 3.27
N GLY A 156 -23.35 17.03 3.53
CA GLY A 156 -24.43 17.11 2.56
C GLY A 156 -24.16 17.47 1.10
N LEU A 157 -23.98 16.47 0.23
CA LEU A 157 -23.73 16.72 -1.19
C LEU A 157 -24.38 15.71 -2.08
N PRO A 158 -24.73 16.13 -3.29
CA PRO A 158 -25.36 15.15 -4.16
C PRO A 158 -24.44 13.98 -4.52
N VAL A 159 -24.68 12.82 -3.91
CA VAL A 159 -23.89 11.65 -4.24
C VAL A 159 -24.51 11.12 -5.54
N ARG A 160 -24.15 11.81 -6.65
CA ARG A 160 -24.59 11.59 -8.05
C ARG A 160 -24.11 10.29 -8.68
N ASP A 161 -24.89 9.23 -8.51
CA ASP A 161 -24.54 7.90 -9.00
C ASP A 161 -24.07 7.76 -10.43
N SER A 162 -23.50 8.81 -10.96
CA SER A 162 -23.03 8.76 -12.32
C SER A 162 -22.01 9.85 -12.39
N TYR A 163 -21.38 10.09 -11.25
CA TYR A 163 -20.34 11.07 -11.21
C TYR A 163 -19.12 10.16 -11.11
N ILE A 164 -19.42 8.85 -11.19
CA ILE A 164 -18.40 7.82 -11.11
C ILE A 164 -18.37 6.85 -12.28
N VAL A 165 -17.32 6.90 -13.10
CA VAL A 165 -17.13 5.99 -14.25
C VAL A 165 -15.90 5.13 -13.94
N GLU A 166 -15.87 3.89 -14.43
CA GLU A 166 -14.74 2.99 -14.13
C GLU A 166 -13.93 2.25 -15.23
N GLY A 167 -13.07 2.97 -15.95
CA GLY A 167 -12.25 2.35 -17.00
C GLY A 167 -11.38 1.29 -16.34
N ASP A 168 -10.57 0.55 -17.09
CA ASP A 168 -9.75 -0.47 -16.44
C ASP A 168 -8.68 0.20 -15.58
N TYR A 169 -7.43 -0.27 -15.63
CA TYR A 169 -6.39 0.34 -14.80
C TYR A 169 -5.32 1.05 -15.60
N THR A 170 -5.70 1.43 -16.82
CA THR A 170 -4.81 2.11 -17.78
C THR A 170 -4.79 3.65 -17.80
N TYR A 171 -3.74 4.21 -18.41
CA TYR A 171 -3.57 5.65 -18.59
C TYR A 171 -4.67 6.00 -19.60
N ASP A 172 -4.58 5.39 -20.79
CA ASP A 172 -5.54 5.58 -21.90
C ASP A 172 -7.01 5.69 -21.42
N SER A 173 -7.42 4.83 -20.50
CA SER A 173 -8.78 4.87 -19.99
C SER A 173 -8.98 5.99 -18.98
N GLY A 174 -7.87 6.41 -18.34
CA GLY A 174 -7.87 7.46 -17.33
C GLY A 174 -8.15 8.82 -17.93
N ILE A 175 -7.84 8.95 -19.22
CA ILE A 175 -8.09 10.16 -20.03
C ILE A 175 -9.51 10.01 -20.59
N GLU A 176 -9.79 8.81 -21.12
CA GLU A 176 -11.06 8.41 -21.70
C GLU A 176 -12.24 8.46 -20.72
N ALA A 177 -11.97 8.42 -19.43
CA ALA A 177 -13.03 8.51 -18.45
C ALA A 177 -13.27 9.99 -18.24
N VAL A 178 -12.18 10.75 -18.11
CA VAL A 178 -12.25 12.21 -17.86
C VAL A 178 -12.97 12.87 -18.98
N GLU A 179 -13.05 12.18 -20.09
CA GLU A 179 -13.74 12.73 -21.20
C GLU A 179 -15.21 12.46 -20.94
N LYS A 180 -15.64 11.19 -21.06
CA LYS A 180 -17.05 10.91 -20.87
C LYS A 180 -17.66 11.46 -19.57
N LEU A 181 -16.84 11.87 -18.62
CA LEU A 181 -17.37 12.42 -17.36
C LEU A 181 -17.53 13.94 -17.57
N LEU A 182 -16.65 14.48 -18.40
CA LEU A 182 -16.66 15.89 -18.70
C LEU A 182 -17.39 16.13 -20.01
N GLU A 183 -18.31 15.25 -20.38
CA GLU A 183 -19.12 15.41 -21.62
C GLU A 183 -20.41 15.97 -21.07
N GLU A 184 -20.57 15.62 -19.80
CA GLU A 184 -21.71 15.96 -18.97
C GLU A 184 -22.00 17.45 -18.83
N ASP A 185 -23.28 17.77 -18.59
CA ASP A 185 -23.66 19.16 -18.40
C ASP A 185 -22.90 19.64 -17.19
N GLU A 186 -23.31 19.17 -16.03
CA GLU A 186 -22.65 19.57 -14.82
C GLU A 186 -21.14 19.16 -14.62
N LYS A 187 -20.25 20.09 -15.00
CA LYS A 187 -18.80 19.92 -14.88
C LYS A 187 -18.22 20.01 -13.41
N PRO A 188 -17.37 19.01 -13.03
CA PRO A 188 -16.65 18.76 -11.75
C PRO A 188 -15.53 19.66 -11.29
N THR A 189 -15.72 20.28 -10.12
CA THR A 189 -14.67 21.11 -9.56
C THR A 189 -13.45 20.23 -9.19
N ALA A 190 -13.63 18.90 -9.18
CA ALA A 190 -12.53 18.00 -8.82
C ALA A 190 -12.77 16.56 -9.29
N ILE A 191 -11.78 15.69 -9.04
CA ILE A 191 -11.82 14.25 -9.38
C ILE A 191 -10.92 13.30 -8.54
N PHE A 192 -11.47 12.12 -8.26
CA PHE A 192 -10.72 11.15 -7.52
C PHE A 192 -10.45 10.02 -8.48
N VAL A 193 -9.43 9.22 -8.16
CA VAL A 193 -9.03 8.07 -8.99
C VAL A 193 -8.17 7.04 -8.17
N GLY A 194 -8.41 5.74 -8.36
CA GLY A 194 -7.63 4.75 -7.67
C GLY A 194 -6.27 4.54 -8.35
N THR A 195 -6.27 3.88 -9.52
CA THR A 195 -5.06 3.61 -10.30
C THR A 195 -4.12 4.82 -10.28
N ASP A 196 -2.92 4.67 -9.73
CA ASP A 196 -2.02 5.82 -9.70
C ASP A 196 -1.81 6.45 -11.10
N GLU A 197 -1.70 5.62 -12.13
CA GLU A 197 -1.49 6.13 -13.47
C GLU A 197 -2.80 6.57 -14.19
N MET A 198 -3.96 6.30 -13.60
CA MET A 198 -5.21 6.75 -14.21
C MET A 198 -5.38 8.14 -13.73
N ALA A 199 -4.33 8.65 -13.11
CA ALA A 199 -4.24 10.01 -12.59
C ALA A 199 -3.66 10.82 -13.73
N LEU A 200 -2.59 10.29 -14.34
CA LEU A 200 -1.92 10.90 -15.50
C LEU A 200 -2.95 10.78 -16.60
N GLY A 201 -3.64 9.64 -16.59
CA GLY A 201 -4.69 9.37 -17.55
C GLY A 201 -5.65 10.53 -17.50
N VAL A 202 -5.84 11.10 -16.31
CA VAL A 202 -6.74 12.23 -16.14
C VAL A 202 -6.10 13.63 -16.30
N ILE A 203 -4.90 13.83 -15.74
CA ILE A 203 -4.22 15.12 -15.83
C ILE A 203 -3.99 15.42 -17.31
N HIS A 204 -3.13 14.65 -17.98
CA HIS A 204 -2.91 14.88 -19.42
C HIS A 204 -4.22 14.49 -20.08
N GLY A 205 -5.27 14.33 -19.26
CA GLY A 205 -6.59 13.96 -19.78
C GLY A 205 -7.42 15.16 -20.18
N ALA A 206 -7.65 16.03 -19.21
CA ALA A 206 -8.40 17.25 -19.45
C ALA A 206 -7.43 18.22 -20.14
N GLN A 207 -6.15 18.11 -19.76
CA GLN A 207 -5.07 18.92 -20.28
C GLN A 207 -4.97 18.77 -21.78
N ASP A 208 -5.60 17.75 -22.33
CA ASP A 208 -5.55 17.55 -23.78
C ASP A 208 -6.73 18.29 -24.50
N ARG A 209 -7.85 18.47 -23.79
CA ARG A 209 -9.03 19.22 -24.30
C ARG A 209 -8.92 20.66 -23.73
N GLY A 210 -7.69 21.11 -23.50
CA GLY A 210 -7.46 22.44 -22.95
C GLY A 210 -8.10 22.71 -21.60
N LEU A 211 -7.36 22.44 -20.51
CA LEU A 211 -7.85 22.67 -19.15
C LEU A 211 -6.74 22.51 -18.08
N ASN A 212 -6.38 23.64 -17.46
CA ASN A 212 -5.31 23.69 -16.44
C ASN A 212 -5.59 23.04 -15.07
N VAL A 213 -4.56 22.48 -14.44
CA VAL A 213 -4.67 21.81 -13.13
C VAL A 213 -3.66 22.36 -12.12
N PRO A 214 -4.09 22.67 -10.90
CA PRO A 214 -5.42 22.53 -10.32
C PRO A 214 -6.27 23.70 -10.78
N ASN A 215 -5.72 24.44 -11.73
CA ASN A 215 -6.40 25.61 -12.27
C ASN A 215 -7.83 25.29 -12.63
N ASP A 216 -8.04 24.44 -13.64
CA ASP A 216 -9.41 24.11 -14.05
C ASP A 216 -9.99 23.00 -13.18
N LEU A 217 -9.19 21.99 -12.91
CA LEU A 217 -9.69 20.91 -12.09
C LEU A 217 -8.66 20.60 -11.01
N GLU A 218 -9.14 20.21 -9.83
CA GLU A 218 -8.27 19.82 -8.72
C GLU A 218 -8.40 18.30 -8.66
N ILE A 219 -7.34 17.59 -9.08
CA ILE A 219 -7.28 16.10 -9.10
C ILE A 219 -6.48 15.50 -7.95
N ILE A 220 -6.72 14.23 -7.68
CA ILE A 220 -5.95 13.50 -6.68
C ILE A 220 -6.11 12.05 -7.12
N GLY A 221 -5.45 11.14 -6.39
CA GLY A 221 -5.49 9.73 -6.71
C GLY A 221 -4.95 8.75 -5.68
N PHE A 222 -4.42 7.62 -6.15
CA PHE A 222 -3.94 6.57 -5.27
C PHE A 222 -2.58 5.92 -5.56
N ASP A 223 -1.98 5.40 -4.47
CA ASP A 223 -0.71 4.67 -4.43
C ASP A 223 0.59 5.45 -4.12
N ASN A 224 0.75 6.61 -4.77
CA ASN A 224 1.92 7.52 -4.68
C ASN A 224 3.18 7.01 -5.39
N THR A 225 3.10 5.78 -5.86
CA THR A 225 4.17 5.08 -6.58
C THR A 225 4.91 6.00 -7.57
N ARG A 226 6.21 5.78 -7.72
CA ARG A 226 7.01 6.58 -8.65
C ARG A 226 6.24 7.29 -9.75
N LEU A 227 5.22 6.66 -10.34
CA LEU A 227 4.46 7.30 -11.38
C LEU A 227 3.90 8.65 -11.00
N SER A 228 3.89 8.95 -9.69
CA SER A 228 3.36 10.21 -9.09
C SER A 228 4.39 11.35 -9.02
N THR A 229 5.36 11.32 -9.94
CA THR A 229 6.39 12.33 -9.98
C THR A 229 6.64 12.73 -11.45
N MET A 230 6.69 11.71 -12.32
CA MET A 230 6.92 11.83 -13.76
C MET A 230 5.81 12.56 -14.58
N VAL A 231 5.06 13.46 -13.93
CA VAL A 231 3.98 14.22 -14.54
C VAL A 231 3.99 15.69 -14.19
N ARG A 232 3.47 16.49 -15.13
CA ARG A 232 3.35 17.96 -15.00
C ARG A 232 1.88 18.40 -15.25
N PRO A 233 1.18 18.80 -14.19
CA PRO A 233 1.63 18.83 -12.79
C PRO A 233 2.14 17.48 -12.23
N GLN A 234 2.90 17.51 -11.15
CA GLN A 234 3.27 16.24 -10.56
C GLN A 234 1.93 15.88 -9.90
N LEU A 235 1.62 14.59 -9.73
CA LEU A 235 0.33 14.17 -9.16
C LEU A 235 0.19 14.10 -7.63
N THR A 236 -0.81 14.77 -7.11
CA THR A 236 -1.08 14.78 -5.69
C THR A 236 -1.91 13.53 -5.36
N SER A 237 -1.34 12.51 -4.70
CA SER A 237 -2.13 11.30 -4.38
C SER A 237 -1.92 10.54 -3.07
N VAL A 238 -2.85 9.61 -2.82
CA VAL A 238 -2.86 8.76 -1.61
C VAL A 238 -1.63 7.90 -1.47
N VAL A 239 -1.05 7.89 -0.29
CA VAL A 239 0.12 7.08 -0.11
C VAL A 239 -0.18 5.75 0.52
N GLN A 240 0.16 4.69 -0.24
CA GLN A 240 0.05 3.25 0.11
C GLN A 240 1.41 2.60 -0.17
N PRO A 241 1.90 1.78 0.75
CA PRO A 241 3.20 1.16 0.52
C PRO A 241 3.20 -0.21 -0.16
N MET A 242 3.05 -0.21 -1.49
CA MET A 242 3.06 -1.44 -2.28
C MET A 242 4.07 -2.46 -1.76
N TYR A 243 5.28 -2.00 -1.46
CA TYR A 243 6.36 -2.85 -0.92
C TYR A 243 5.99 -3.15 0.51
N ASP A 244 5.92 -2.12 1.36
CA ASP A 244 5.58 -2.32 2.76
C ASP A 244 4.52 -3.41 3.00
N ILE A 245 3.57 -3.52 2.07
CA ILE A 245 2.55 -4.55 2.19
C ILE A 245 3.24 -5.90 1.96
N GLY A 246 4.20 -5.92 1.04
CA GLY A 246 4.97 -7.12 0.82
C GLY A 246 5.58 -7.38 2.18
N ALA A 247 6.55 -6.57 2.57
CA ALA A 247 7.21 -6.68 3.86
C ALA A 247 6.30 -7.27 4.95
N VAL A 248 5.56 -6.43 5.64
CA VAL A 248 4.72 -6.94 6.71
C VAL A 248 3.81 -8.12 6.33
N ALA A 249 3.78 -8.52 5.05
CA ALA A 249 2.94 -9.66 4.66
C ALA A 249 3.68 -10.88 5.10
N MET A 250 4.79 -11.16 4.44
CA MET A 250 5.59 -12.32 4.77
C MET A 250 6.01 -12.40 6.25
N ARG A 251 6.58 -11.32 6.81
CA ARG A 251 7.01 -11.27 8.21
C ARG A 251 5.95 -11.92 9.06
N LEU A 252 4.71 -11.70 8.62
CA LEU A 252 3.49 -12.18 9.25
C LEU A 252 3.28 -13.67 8.94
N LEU A 253 3.43 -14.07 7.67
CA LEU A 253 3.30 -15.48 7.33
C LEU A 253 4.43 -16.14 8.13
N THR A 254 5.63 -15.58 8.02
CA THR A 254 6.77 -16.11 8.75
C THR A 254 6.37 -16.28 10.20
N LYS A 255 5.80 -15.26 10.80
CA LYS A 255 5.41 -15.39 12.20
C LYS A 255 4.50 -16.57 12.42
N TYR A 256 3.74 -16.95 11.40
CA TYR A 256 2.83 -18.10 11.47
C TYR A 256 3.53 -19.41 11.18
N MET A 257 4.46 -19.37 10.23
CA MET A 257 5.25 -20.54 9.80
C MET A 257 6.34 -20.96 10.84
N ASN A 258 6.74 -19.97 11.64
CA ASN A 258 7.75 -20.15 12.67
C ASN A 258 7.04 -19.83 13.95
N LYS A 259 6.08 -20.68 14.27
CA LYS A 259 5.25 -20.50 15.46
C LYS A 259 5.78 -19.39 16.38
N GLU A 260 5.38 -18.16 16.02
CA GLU A 260 5.69 -16.96 16.79
C GLU A 260 4.27 -16.50 17.17
N THR A 261 4.14 -15.65 18.19
CA THR A 261 2.82 -15.19 18.59
C THR A 261 2.45 -13.99 17.79
N VAL A 262 1.43 -14.20 16.96
CA VAL A 262 0.93 -13.16 16.08
C VAL A 262 0.08 -12.21 16.85
N ASP A 263 0.25 -10.94 16.58
CA ASP A 263 -0.54 -9.97 17.29
C ASP A 263 -1.92 -9.95 16.68
N SER A 264 -2.10 -9.09 15.68
CA SER A 264 -3.38 -8.96 14.96
C SER A 264 -3.28 -9.75 13.67
N SER A 265 -4.25 -10.61 13.41
CA SER A 265 -4.19 -11.42 12.22
C SER A 265 -4.51 -10.56 11.01
N ILE A 266 -5.15 -9.44 11.26
CA ILE A 266 -5.49 -8.53 10.18
C ILE A 266 -4.92 -7.12 10.46
N VAL A 267 -4.01 -6.69 9.57
CA VAL A 267 -3.33 -5.40 9.66
C VAL A 267 -3.61 -4.45 8.54
N GLN A 268 -3.31 -3.21 8.87
CA GLN A 268 -3.50 -2.08 7.99
C GLN A 268 -2.47 -0.95 8.19
N LEU A 269 -1.28 -1.16 7.62
CA LEU A 269 -0.18 -0.21 7.67
C LEU A 269 -0.71 1.20 7.44
N PRO A 270 -0.01 2.23 7.97
CA PRO A 270 -0.37 3.66 7.85
C PRO A 270 -0.58 4.21 6.42
N HIS A 271 -1.33 5.31 6.29
CA HIS A 271 -1.56 5.95 4.99
C HIS A 271 -1.72 7.45 5.15
N ARG A 272 -1.04 8.22 4.30
CA ARG A 272 -1.14 9.67 4.36
C ARG A 272 -1.41 10.25 2.97
N ILE A 273 -1.51 11.56 2.88
CA ILE A 273 -1.74 12.17 1.60
C ILE A 273 -0.43 12.78 1.15
N GLU A 274 -0.14 12.63 -0.13
CA GLU A 274 1.05 13.18 -0.72
C GLU A 274 0.61 14.13 -1.80
N PHE A 275 0.44 15.39 -1.45
CA PHE A 275 0.02 16.36 -2.45
C PHE A 275 1.18 16.90 -3.25
N ARG A 276 1.19 16.58 -4.55
CA ARG A 276 2.22 17.14 -5.42
C ARG A 276 1.62 18.42 -6.02
N GLN A 277 0.99 18.28 -7.18
CA GLN A 277 0.45 19.46 -7.79
C GLN A 277 -0.94 19.36 -8.35
N SER A 278 -1.51 18.17 -8.51
CA SER A 278 -2.87 18.15 -9.06
C SER A 278 -3.85 18.63 -8.02
N THR A 279 -3.33 19.31 -7.02
CA THR A 279 -4.17 19.87 -5.98
C THR A 279 -3.49 21.19 -5.65
N LYS A 280 -4.28 22.21 -5.30
CA LYS A 280 -3.73 23.55 -4.96
C LYS A 280 -3.44 23.67 -3.45
N ALA B 2 23.59 6.03 25.51
CA ALA B 2 22.29 5.30 25.57
C ALA B 2 21.38 5.50 24.33
N GLN B 3 21.81 6.34 23.37
CA GLN B 3 21.00 6.63 22.17
C GLN B 3 21.39 7.94 21.49
N LYS B 4 20.48 8.36 20.60
CA LYS B 4 20.58 9.59 19.82
C LYS B 4 19.15 10.06 19.68
N THR B 5 18.92 10.91 18.67
CA THR B 5 17.63 11.54 18.33
C THR B 5 17.82 11.98 16.87
N PHE B 6 16.79 11.88 16.03
CA PHE B 6 16.90 12.28 14.62
C PHE B 6 15.65 13.02 14.08
N THR B 7 15.78 13.61 12.89
CA THR B 7 14.70 14.35 12.17
C THR B 7 14.59 13.81 10.70
N VAL B 8 13.75 12.79 10.48
CA VAL B 8 13.58 12.14 9.17
C VAL B 8 13.61 13.00 7.91
N THR B 9 14.66 12.82 7.11
CA THR B 9 14.83 13.62 5.90
C THR B 9 14.36 12.98 4.60
N ALA B 10 14.26 11.65 4.57
CA ALA B 10 13.84 10.88 3.36
C ALA B 10 12.34 11.02 3.02
N ASP B 11 11.99 11.81 2.00
CA ASP B 11 10.57 12.07 1.60
C ASP B 11 9.59 10.87 1.43
N SER B 12 10.16 9.67 1.47
CA SER B 12 9.41 8.43 1.38
C SER B 12 9.77 7.77 2.71
N GLY B 13 9.64 8.58 3.76
CA GLY B 13 9.96 8.20 5.14
C GLY B 13 10.92 7.04 5.41
N ILE B 14 10.35 6.05 6.06
CA ILE B 14 11.07 4.83 6.36
C ILE B 14 10.02 3.79 5.97
N HIS B 15 10.15 3.38 4.70
CA HIS B 15 9.32 2.39 4.01
C HIS B 15 10.31 1.70 3.05
N ALA B 16 9.80 1.08 1.98
CA ALA B 16 10.68 0.42 1.02
C ALA B 16 11.92 -0.24 1.68
N ARG B 17 12.93 -0.57 0.86
CA ARG B 17 14.14 -1.20 1.37
C ARG B 17 14.74 -0.34 2.45
N PRO B 18 14.71 1.00 2.27
CA PRO B 18 15.25 1.91 3.28
C PRO B 18 14.79 1.44 4.68
N ALA B 19 13.67 0.71 4.68
CA ALA B 19 13.05 0.15 5.89
C ALA B 19 13.62 -1.20 6.17
N THR B 20 13.51 -2.05 5.18
CA THR B 20 14.04 -3.37 5.33
C THR B 20 15.53 -3.17 5.45
N THR B 21 15.98 -1.94 5.28
CA THR B 21 17.40 -1.73 5.41
C THR B 21 17.80 -1.67 6.90
N LEU B 22 17.28 -0.72 7.66
CA LEU B 22 17.63 -0.61 9.08
C LEU B 22 17.22 -1.78 9.97
N VAL B 23 16.07 -2.40 9.68
CA VAL B 23 15.57 -3.49 10.51
C VAL B 23 16.66 -4.49 10.52
N GLN B 24 17.40 -4.42 9.42
CA GLN B 24 18.57 -5.24 9.15
C GLN B 24 19.69 -4.93 10.18
N ALA B 25 20.45 -3.87 9.91
CA ALA B 25 21.55 -3.44 10.79
C ALA B 25 21.04 -3.75 12.18
N ALA B 26 20.08 -2.95 12.61
CA ALA B 26 19.45 -3.15 13.91
C ALA B 26 19.32 -4.66 14.24
N SER B 27 18.96 -5.50 13.25
CA SER B 27 18.86 -6.93 13.52
C SER B 27 20.18 -7.41 14.21
N LYS B 28 21.30 -7.17 13.51
CA LYS B 28 22.65 -7.55 13.95
C LYS B 28 22.94 -7.49 15.44
N PHE B 29 23.62 -6.40 15.80
CA PHE B 29 24.08 -5.99 17.15
C PHE B 29 24.11 -6.91 18.41
N ASP B 30 23.44 -6.50 19.48
CA ASP B 30 23.41 -7.27 20.75
C ASP B 30 22.69 -6.48 21.84
N SER B 31 22.24 -5.29 21.42
CA SER B 31 21.54 -4.33 22.29
C SER B 31 20.03 -4.28 22.06
N ASP B 32 19.34 -3.64 23.00
CA ASP B 32 17.90 -3.52 22.91
C ASP B 32 17.48 -2.21 22.21
N ILE B 33 17.85 -2.20 20.93
CA ILE B 33 17.59 -1.12 19.99
C ILE B 33 16.10 -0.83 20.03
N ASN B 34 15.69 0.28 19.44
CA ASN B 34 14.30 0.66 19.41
C ASN B 34 14.18 1.90 18.58
N LEU B 35 12.98 2.16 18.08
CA LEU B 35 12.71 3.36 17.31
C LEU B 35 11.66 4.10 18.10
N GLU B 36 11.95 5.36 18.41
CA GLU B 36 11.05 6.24 19.14
C GLU B 36 10.47 7.26 18.16
N PHE B 37 9.20 7.11 17.80
CA PHE B 37 8.58 8.05 16.90
C PHE B 37 7.28 8.43 17.53
N ASN B 38 7.08 9.73 17.80
CA ASN B 38 5.82 10.26 18.36
C ASN B 38 5.23 9.35 19.47
N GLY B 39 5.60 9.63 20.72
CA GLY B 39 5.12 8.83 21.82
C GLY B 39 5.54 7.40 21.58
N LYS B 40 4.80 6.73 20.71
CA LYS B 40 5.06 5.32 20.34
C LYS B 40 6.57 4.97 20.11
N THR B 41 6.91 3.67 20.21
CA THR B 41 8.29 3.23 20.02
C THR B 41 8.43 1.68 20.03
N VAL B 42 8.86 1.08 18.90
CA VAL B 42 9.04 -0.40 18.80
C VAL B 42 10.50 -0.79 18.63
N ASN B 43 10.86 -1.99 19.11
CA ASN B 43 12.24 -2.44 18.96
C ASN B 43 12.57 -2.19 17.50
N LEU B 44 13.81 -1.84 17.22
CA LEU B 44 14.15 -1.58 15.84
C LEU B 44 14.52 -2.88 15.18
N LYS B 45 14.75 -3.89 16.01
CA LYS B 45 15.14 -5.20 15.56
C LYS B 45 14.00 -5.97 14.88
N SEP B 46 12.87 -5.25 14.74
CA SEP B 46 11.60 -5.71 14.08
CB SEP B 46 10.40 -5.73 15.10
OG SEP B 46 9.11 -5.99 14.48
C SEP B 46 11.19 -4.82 12.88
O SEP B 46 11.49 -3.61 12.81
P SEP B 46 8.59 -7.50 14.12
O1P SEP B 46 9.13 -8.42 15.16
O2P SEP B 46 7.12 -7.58 14.31
O3P SEP B 46 8.88 -7.74 12.66
N ILE B 47 10.51 -5.48 11.94
CA ILE B 47 10.01 -4.83 10.72
C ILE B 47 8.63 -4.22 11.00
N MET B 48 7.64 -5.06 11.20
CA MET B 48 6.31 -4.60 11.45
C MET B 48 6.26 -3.32 12.24
N GLY B 49 6.81 -3.36 13.44
CA GLY B 49 6.76 -2.18 14.31
C GLY B 49 7.12 -0.86 13.65
N VAL B 50 8.18 -0.89 12.87
CA VAL B 50 8.66 0.29 12.16
C VAL B 50 7.60 0.65 11.16
N MET B 51 7.41 -0.27 10.21
CA MET B 51 6.43 -0.14 9.15
C MET B 51 5.06 0.30 9.70
N SER B 52 4.65 -0.30 10.82
CA SER B 52 3.38 0.03 11.45
C SER B 52 3.32 1.46 11.96
N LEU B 53 4.46 2.03 12.38
CA LEU B 53 4.48 3.39 12.90
C LEU B 53 4.33 4.44 11.81
N GLY B 54 4.35 3.98 10.56
CA GLY B 54 4.22 4.89 9.43
C GLY B 54 5.02 6.13 9.70
N ILE B 55 6.32 6.08 9.42
CA ILE B 55 7.22 7.21 9.69
C ILE B 55 7.64 7.97 8.44
N GLN B 56 6.82 8.94 8.05
CA GLN B 56 7.01 9.79 6.88
C GLN B 56 8.21 10.73 6.98
N LYS B 57 8.31 11.68 6.02
CA LYS B 57 9.39 12.72 5.96
C LYS B 57 9.03 13.97 6.75
N GLY B 58 9.62 14.11 7.93
CA GLY B 58 9.33 15.29 8.71
C GLY B 58 9.87 15.11 10.10
N ALA B 59 9.03 14.50 10.92
CA ALA B 59 9.28 14.25 12.35
C ALA B 59 10.71 13.99 12.89
N THR B 60 10.77 14.01 14.21
CA THR B 60 11.96 13.74 14.99
C THR B 60 11.87 12.27 15.41
N ILE B 61 12.94 11.55 15.24
CA ILE B 61 12.89 10.16 15.62
C ILE B 61 13.98 9.93 16.64
N THR B 62 13.90 8.81 17.34
CA THR B 62 14.88 8.58 18.36
C THR B 62 15.36 7.19 18.33
N ILE B 63 16.67 7.04 18.29
CA ILE B 63 17.25 5.71 18.35
C ILE B 63 17.19 5.33 19.83
N SER B 64 17.18 4.03 20.11
CA SER B 64 17.12 3.54 21.48
C SER B 64 18.02 2.30 21.66
N ALA B 65 19.27 2.54 22.04
CA ALA B 65 20.29 1.51 22.27
C ALA B 65 20.39 1.09 23.76
N GLU B 66 20.33 -0.21 24.04
CA GLU B 66 20.42 -0.72 25.43
C GLU B 66 20.98 -2.18 25.57
N GLY B 67 22.25 -2.32 25.98
CA GLY B 67 22.86 -3.64 26.15
C GLY B 67 24.27 -3.80 25.55
N SER B 68 25.18 -4.40 26.34
CA SER B 68 26.62 -4.66 26.02
C SER B 68 27.27 -4.15 24.71
N ASP B 69 26.44 -3.73 23.74
CA ASP B 69 26.89 -3.24 22.44
C ASP B 69 26.02 -2.07 21.92
N GLU B 70 25.47 -1.28 22.84
CA GLU B 70 24.62 -0.12 22.48
C GLU B 70 25.37 0.76 21.46
N ALA B 71 26.13 1.72 22.03
CA ALA B 71 27.00 2.71 21.38
C ALA B 71 27.35 2.42 19.94
N ASP B 72 27.81 1.19 19.73
CA ASP B 72 28.25 0.64 18.45
C ASP B 72 27.12 0.72 17.41
N ALA B 73 25.89 0.42 17.84
CA ALA B 73 24.67 0.46 17.01
C ALA B 73 24.32 1.91 16.68
N LEU B 74 24.07 2.69 17.73
CA LEU B 74 23.77 4.11 17.64
C LEU B 74 24.69 4.69 16.56
N ALA B 75 25.83 4.04 16.33
CA ALA B 75 26.77 4.52 15.33
C ALA B 75 26.76 3.73 14.02
N ALA B 76 26.58 2.41 14.08
CA ALA B 76 26.56 1.68 12.82
C ALA B 76 25.30 2.19 12.13
N LEU B 77 24.29 2.50 12.95
CA LEU B 77 23.01 3.01 12.46
C LEU B 77 22.97 4.52 12.03
N GLU B 78 23.39 5.47 12.91
CA GLU B 78 23.43 6.94 12.56
C GLU B 78 24.07 7.03 11.16
N ASP B 79 25.18 6.31 11.05
CA ASP B 79 26.02 6.19 9.89
C ASP B 79 25.28 5.41 8.84
N THR B 80 24.32 4.63 9.32
CA THR B 80 23.50 3.77 8.49
C THR B 80 22.38 4.48 7.71
N MET B 81 21.48 5.16 8.43
CA MET B 81 20.36 5.82 7.78
C MET B 81 20.72 7.07 7.02
N SER B 82 21.71 7.79 7.51
CA SER B 82 22.15 9.00 6.84
C SER B 82 22.88 8.58 5.55
N LYS B 83 23.43 7.38 5.61
CA LYS B 83 24.14 6.78 4.48
C LYS B 83 23.05 6.51 3.39
N GLU B 84 21.89 6.04 3.86
CA GLU B 84 20.73 5.70 3.03
C GLU B 84 19.69 6.81 2.81
N GLY B 85 20.08 8.09 2.93
CA GLY B 85 19.16 9.21 2.76
C GLY B 85 18.05 9.36 3.82
N LEU B 86 18.28 8.79 5.01
CA LEU B 86 17.32 8.86 6.09
C LEU B 86 17.56 10.07 7.00
N GLY B 87 17.13 9.96 8.26
CA GLY B 87 17.27 11.04 9.23
C GLY B 87 18.67 11.62 9.33
N GLU B 88 18.76 12.70 10.11
CA GLU B 88 20.01 13.44 10.36
C GLU B 88 19.79 14.56 11.41
#